data_2RHK
#
_entry.id   2RHK
#
_cell.length_a   50.960
_cell.length_b   50.960
_cell.length_c   205.390
_cell.angle_alpha   90.00
_cell.angle_beta   90.00
_cell.angle_gamma   90.00
#
_symmetry.space_group_name_H-M   'P 41'
#
loop_
_entity.id
_entity.type
_entity.pdbx_description
1 polymer 'Non-structural protein 1'
2 polymer 'Cleavage and polyadenylation specificity factor subunit 4'
3 non-polymer 'NITRATE ION'
4 non-polymer 'ZINC ION'
5 non-polymer 2-AMINO-2-HYDROXYMETHYL-PROPANE-1,3-DIOL
6 water water
#
loop_
_entity_poly.entity_id
_entity_poly.type
_entity_poly.pdbx_seq_one_letter_code
_entity_poly.pdbx_strand_id
1 'polypeptide(L)'
;MPASRYITDMTIEELSRDWFMLMPKQKVEGPLCIRIDQAIMDKNIMLKANFSVIFDRLETLILLRAFTEEGAIVGEISPL
PSFPGHTIEDVKNAIGVLIGGLEWNDNTVRVSKTLQRFAWGSSNENGRPPLTLEHHHHHH
;
A,B
2 'polypeptide(L)' MGHHHHHHSHMSGEKTVVCKHWLRGLCKKGDQCEFLHEYDMTKMSECYFYSKFGECSNKECPFLHIDPESKI C,D
#
loop_
_chem_comp.id
_chem_comp.type
_chem_comp.name
_chem_comp.formula
NO3 non-polymer 'NITRATE ION' 'N O3 -1'
TRS non-polymer 2-AMINO-2-HYDROXYMETHYL-PROPANE-1,3-DIOL 'C4 H12 N O3 1'
ZN non-polymer 'ZINC ION' 'Zn 2'
#
# COMPACT_ATOMS: atom_id res chain seq x y z
N PRO A 2 -10.37 -2.74 -44.38
CA PRO A 2 -10.19 -1.27 -44.28
C PRO A 2 -9.56 -0.88 -42.95
N ALA A 3 -8.82 0.23 -42.95
CA ALA A 3 -8.18 0.72 -41.74
C ALA A 3 -9.24 1.16 -40.73
N SER A 4 -9.40 0.36 -39.68
CA SER A 4 -10.39 0.63 -38.63
C SER A 4 -10.16 1.94 -37.89
N ARG A 5 -11.17 2.38 -37.17
CA ARG A 5 -11.07 3.62 -36.39
C ARG A 5 -10.19 3.36 -35.18
N TYR A 6 -9.52 4.40 -34.70
CA TYR A 6 -8.67 4.28 -33.51
C TYR A 6 -9.20 5.15 -32.38
N ILE A 7 -9.28 4.58 -31.19
CA ILE A 7 -9.72 5.29 -29.99
C ILE A 7 -8.44 5.55 -29.19
N THR A 8 -8.23 6.79 -28.76
CA THR A 8 -7.04 7.12 -27.98
C THR A 8 -7.35 7.83 -26.67
N ASP A 9 -7.60 7.06 -25.61
CA ASP A 9 -7.87 7.66 -24.30
C ASP A 9 -6.60 8.31 -23.77
N MET A 10 -5.44 7.73 -24.11
CA MET A 10 -4.17 8.23 -23.62
C MET A 10 -3.45 9.18 -24.56
N THR A 11 -2.71 10.11 -23.98
CA THR A 11 -1.93 11.04 -24.75
C THR A 11 -0.67 10.29 -25.16
N ILE A 12 0.08 10.84 -26.10
CA ILE A 12 1.31 10.19 -26.53
C ILE A 12 2.26 9.99 -25.36
N GLU A 13 2.32 10.97 -24.46
CA GLU A 13 3.19 10.88 -23.29
C GLU A 13 2.75 9.73 -22.37
N GLU A 14 1.47 9.67 -22.04
CA GLU A 14 0.97 8.60 -21.16
C GLU A 14 1.24 7.23 -21.78
N LEU A 15 1.10 7.17 -23.09
CA LEU A 15 1.30 5.93 -23.81
C LEU A 15 2.77 5.52 -23.84
N SER A 16 3.65 6.51 -23.86
CA SER A 16 5.10 6.29 -23.92
C SER A 16 5.82 6.19 -22.58
N ARG A 17 5.17 6.63 -21.52
CA ARG A 17 5.78 6.63 -20.20
C ARG A 17 6.09 5.23 -19.70
N ASP A 18 7.17 5.10 -18.93
CA ASP A 18 7.54 3.82 -18.35
C ASP A 18 7.19 4.01 -16.88
N TRP A 19 6.73 2.95 -16.22
CA TRP A 19 6.38 3.08 -14.82
C TRP A 19 7.05 1.99 -13.99
N PHE A 20 7.03 2.18 -12.68
CA PHE A 20 7.69 1.30 -11.72
C PHE A 20 6.73 0.60 -10.77
N MET A 21 6.98 -0.68 -10.49
CA MET A 21 6.17 -1.46 -9.54
C MET A 21 7.06 -1.80 -8.34
N LEU A 22 6.58 -1.49 -7.14
CA LEU A 22 7.31 -1.79 -5.93
C LEU A 22 7.27 -3.29 -5.68
N MET A 23 6.11 -3.88 -5.96
CA MET A 23 5.87 -5.32 -5.81
C MET A 23 5.35 -5.79 -7.15
N PRO A 24 6.23 -5.95 -8.15
CA PRO A 24 5.84 -6.38 -9.48
C PRO A 24 5.07 -7.68 -9.58
N LYS A 25 4.03 -7.67 -10.41
CA LYS A 25 3.23 -8.84 -10.69
C LYS A 25 3.04 -8.77 -12.20
N GLN A 26 3.36 -9.85 -12.89
CA GLN A 26 3.21 -9.87 -14.33
C GLN A 26 2.73 -11.24 -14.75
N LYS A 27 1.75 -11.26 -15.64
CA LYS A 27 1.20 -12.52 -16.12
C LYS A 27 0.93 -12.44 -17.61
N VAL A 28 1.40 -13.43 -18.35
CA VAL A 28 1.14 -13.46 -19.76
C VAL A 28 -0.05 -14.37 -19.93
N GLU A 29 -1.18 -13.81 -20.36
CA GLU A 29 -2.38 -14.60 -20.59
C GLU A 29 -2.74 -14.54 -22.06
N GLY A 30 -2.50 -15.64 -22.75
CA GLY A 30 -2.77 -15.68 -24.17
C GLY A 30 -1.83 -14.72 -24.86
N PRO A 31 -2.34 -13.91 -25.79
CA PRO A 31 -1.52 -12.95 -26.52
C PRO A 31 -1.34 -11.61 -25.80
N LEU A 32 -1.76 -11.53 -24.54
CA LEU A 32 -1.65 -10.29 -23.76
C LEU A 32 -0.84 -10.42 -22.47
N CYS A 33 -0.19 -9.34 -22.09
CA CYS A 33 0.61 -9.28 -20.85
C CYS A 33 -0.09 -8.38 -19.84
N ILE A 34 -0.30 -8.89 -18.63
CA ILE A 34 -0.94 -8.12 -17.56
C ILE A 34 0.08 -7.76 -16.48
N ARG A 35 0.11 -6.50 -16.09
CA ARG A 35 1.03 -6.05 -15.04
C ARG A 35 0.30 -5.25 -13.98
N ILE A 36 0.71 -5.42 -12.74
CA ILE A 36 0.07 -4.69 -11.66
C ILE A 36 1.02 -4.58 -10.47
N ASP A 37 0.99 -3.45 -9.79
CA ASP A 37 1.83 -3.27 -8.62
C ASP A 37 1.00 -3.76 -7.42
N GLN A 38 1.45 -4.85 -6.81
CA GLN A 38 0.75 -5.42 -5.66
C GLN A 38 0.75 -4.47 -4.46
N ALA A 39 1.64 -3.47 -4.52
CA ALA A 39 1.76 -2.51 -3.42
C ALA A 39 0.70 -1.41 -3.41
N ILE A 40 0.04 -1.19 -4.54
CA ILE A 40 -0.96 -0.13 -4.64
C ILE A 40 -2.31 -0.48 -4.04
N MET A 41 -2.75 0.32 -3.06
CA MET A 41 -4.02 0.06 -2.38
C MET A 41 -4.80 1.35 -2.11
N ASP A 42 -6.09 1.17 -1.83
CA ASP A 42 -7.01 2.25 -1.46
C ASP A 42 -7.11 3.49 -2.33
N LYS A 43 -6.91 3.35 -3.63
CA LYS A 43 -7.00 4.52 -4.50
C LYS A 43 -8.14 4.43 -5.50
N ASN A 44 -8.52 5.58 -6.04
CA ASN A 44 -9.55 5.61 -7.07
C ASN A 44 -8.72 5.47 -8.35
N ILE A 45 -8.99 4.41 -9.10
CA ILE A 45 -8.24 4.09 -10.32
C ILE A 45 -9.13 4.19 -11.56
N MET A 46 -8.58 4.71 -12.65
CA MET A 46 -9.35 4.81 -13.89
C MET A 46 -8.61 4.06 -14.98
N LEU A 47 -9.32 3.17 -15.67
CA LEU A 47 -8.70 2.43 -16.76
C LEU A 47 -8.88 3.22 -18.05
N LYS A 48 -7.78 3.45 -18.76
CA LYS A 48 -7.81 4.16 -20.04
C LYS A 48 -7.12 3.27 -21.07
N ALA A 49 -7.55 3.35 -22.33
CA ALA A 49 -6.93 2.54 -23.36
C ALA A 49 -6.92 3.16 -24.74
N ASN A 50 -6.04 2.62 -25.58
CA ASN A 50 -5.92 3.03 -26.97
C ASN A 50 -6.14 1.72 -27.69
N PHE A 51 -7.09 1.72 -28.60
CA PHE A 51 -7.44 0.51 -29.32
C PHE A 51 -8.20 0.85 -30.59
N SER A 52 -8.25 -0.10 -31.51
CA SER A 52 -9.00 0.10 -32.75
C SER A 52 -10.37 -0.54 -32.51
N VAL A 53 -11.39 -0.08 -33.23
CA VAL A 53 -12.73 -0.63 -33.09
C VAL A 53 -13.26 -1.00 -34.47
N ILE A 54 -14.18 -1.95 -34.51
CA ILE A 54 -14.82 -2.36 -35.76
C ILE A 54 -16.13 -2.98 -35.33
N PHE A 55 -17.18 -2.76 -36.12
CA PHE A 55 -18.50 -3.29 -35.78
C PHE A 55 -18.95 -2.88 -34.38
N ASP A 56 -18.68 -1.62 -34.02
CA ASP A 56 -19.09 -1.10 -32.71
C ASP A 56 -18.51 -1.83 -31.49
N ARG A 57 -17.30 -2.36 -31.62
CA ARG A 57 -16.66 -3.05 -30.51
C ARG A 57 -15.15 -2.95 -30.64
N LEU A 58 -14.45 -3.14 -29.54
CA LEU A 58 -12.99 -3.10 -29.54
C LEU A 58 -12.52 -4.18 -30.51
N GLU A 59 -11.49 -3.87 -31.29
CA GLU A 59 -10.97 -4.84 -32.24
C GLU A 59 -9.57 -5.28 -31.81
N THR A 60 -8.65 -4.33 -31.78
CA THR A 60 -7.28 -4.61 -31.39
C THR A 60 -6.77 -3.64 -30.32
N LEU A 61 -6.36 -4.18 -29.18
CA LEU A 61 -5.85 -3.33 -28.12
C LEU A 61 -4.42 -2.90 -28.42
N ILE A 62 -4.14 -1.62 -28.25
CA ILE A 62 -2.78 -1.14 -28.43
C ILE A 62 -2.16 -1.14 -27.03
N LEU A 63 -2.88 -0.56 -26.08
CA LEU A 63 -2.39 -0.51 -24.70
C LEU A 63 -3.49 -0.03 -23.78
N LEU A 64 -3.54 -0.61 -22.59
CA LEU A 64 -4.50 -0.20 -21.57
C LEU A 64 -3.70 0.03 -20.29
N ARG A 65 -3.94 1.16 -19.62
CA ARG A 65 -3.22 1.43 -18.38
C ARG A 65 -4.19 1.87 -17.29
N ALA A 66 -3.82 1.59 -16.05
CA ALA A 66 -4.62 1.95 -14.89
C ALA A 66 -3.97 3.17 -14.23
N PHE A 67 -4.71 4.28 -14.13
CA PHE A 67 -4.20 5.53 -13.57
C PHE A 67 -4.83 5.95 -12.24
N THR A 68 -4.04 6.51 -11.33
CA THR A 68 -4.57 6.99 -10.07
C THR A 68 -5.07 8.41 -10.40
N GLU A 69 -5.73 9.06 -9.46
CA GLU A 69 -6.25 10.40 -9.69
C GLU A 69 -5.13 11.40 -9.97
N GLU A 70 -3.93 11.09 -9.47
CA GLU A 70 -2.77 11.95 -9.67
C GLU A 70 -2.08 11.68 -11.00
N GLY A 71 -2.64 10.76 -11.79
CA GLY A 71 -2.04 10.47 -13.08
C GLY A 71 -0.97 9.41 -13.12
N ALA A 72 -0.70 8.76 -11.99
CA ALA A 72 0.32 7.71 -11.94
C ALA A 72 -0.21 6.36 -12.46
N ILE A 73 0.64 5.64 -13.18
CA ILE A 73 0.26 4.32 -13.72
C ILE A 73 0.51 3.24 -12.65
N VAL A 74 -0.48 2.39 -12.40
CA VAL A 74 -0.34 1.33 -11.40
C VAL A 74 -0.70 -0.05 -11.96
N GLY A 75 -1.03 -0.11 -13.24
CA GLY A 75 -1.40 -1.37 -13.84
C GLY A 75 -1.44 -1.26 -15.34
N GLU A 76 -1.38 -2.38 -16.04
CA GLU A 76 -1.37 -2.33 -17.49
C GLU A 76 -1.69 -3.64 -18.18
N ILE A 77 -2.24 -3.55 -19.39
CA ILE A 77 -2.51 -4.70 -20.22
C ILE A 77 -1.93 -4.30 -21.56
N SER A 78 -0.96 -5.09 -22.03
CA SER A 78 -0.33 -4.77 -23.29
C SER A 78 -0.25 -5.99 -24.16
N PRO A 79 -0.34 -5.80 -25.48
CA PRO A 79 -0.27 -6.95 -26.38
C PRO A 79 1.19 -7.40 -26.40
N LEU A 80 1.42 -8.68 -26.63
CA LEU A 80 2.80 -9.16 -26.72
C LEU A 80 3.29 -8.71 -28.10
N PRO A 81 4.56 -8.31 -28.21
CA PRO A 81 5.12 -7.85 -29.49
C PRO A 81 4.84 -8.82 -30.64
N SER A 82 5.21 -10.07 -30.42
CA SER A 82 5.05 -11.13 -31.42
C SER A 82 3.67 -11.30 -32.07
N PHE A 83 2.60 -10.93 -31.36
CA PHE A 83 1.26 -11.11 -31.92
C PHE A 83 0.54 -9.88 -32.44
N PRO A 84 -0.28 -10.09 -33.48
CA PRO A 84 -1.10 -9.08 -34.15
C PRO A 84 -2.52 -9.59 -33.92
N GLY A 85 -2.61 -10.74 -33.26
CA GLY A 85 -3.91 -11.35 -33.04
C GLY A 85 -4.37 -11.74 -31.64
N HIS A 86 -5.39 -11.02 -31.20
CA HIS A 86 -6.05 -11.28 -29.93
C HIS A 86 -7.50 -10.87 -30.19
N THR A 87 -8.42 -11.43 -29.41
CA THR A 87 -9.83 -11.14 -29.57
C THR A 87 -10.31 -10.20 -28.47
N ILE A 88 -11.53 -9.71 -28.59
CA ILE A 88 -12.08 -8.84 -27.58
C ILE A 88 -12.30 -9.68 -26.31
N GLU A 89 -12.49 -10.99 -26.49
CA GLU A 89 -12.68 -11.87 -25.35
C GLU A 89 -11.37 -12.00 -24.56
N ASP A 90 -10.24 -12.01 -25.28
CA ASP A 90 -8.93 -12.08 -24.60
C ASP A 90 -8.77 -10.80 -23.81
N VAL A 91 -9.20 -9.69 -24.41
CA VAL A 91 -9.08 -8.40 -23.76
C VAL A 91 -9.96 -8.33 -22.51
N LYS A 92 -11.19 -8.79 -22.62
CA LYS A 92 -12.10 -8.76 -21.47
C LYS A 92 -11.56 -9.63 -20.34
N ASN A 93 -11.04 -10.81 -20.69
CA ASN A 93 -10.49 -11.70 -19.68
C ASN A 93 -9.37 -10.99 -18.93
N ALA A 94 -8.47 -10.37 -19.67
CA ALA A 94 -7.34 -9.66 -19.06
C ALA A 94 -7.80 -8.52 -18.18
N ILE A 95 -8.82 -7.78 -18.63
CA ILE A 95 -9.33 -6.65 -17.88
C ILE A 95 -9.90 -7.16 -16.55
N GLY A 96 -10.57 -8.31 -16.61
CA GLY A 96 -11.14 -8.89 -15.40
C GLY A 96 -10.07 -9.28 -14.39
N VAL A 97 -8.92 -9.75 -14.89
CA VAL A 97 -7.83 -10.13 -13.98
C VAL A 97 -7.23 -8.87 -13.34
N LEU A 98 -7.01 -7.85 -14.17
CA LEU A 98 -6.46 -6.59 -13.66
C LEU A 98 -7.41 -5.95 -12.65
N ILE A 99 -8.68 -5.81 -13.01
CA ILE A 99 -9.65 -5.20 -12.09
C ILE A 99 -9.78 -6.01 -10.80
N GLY A 100 -9.71 -7.33 -10.93
CA GLY A 100 -9.81 -8.19 -9.77
C GLY A 100 -8.68 -7.97 -8.78
N GLY A 101 -7.47 -7.76 -9.29
CA GLY A 101 -6.33 -7.55 -8.42
C GLY A 101 -6.42 -6.18 -7.78
N LEU A 102 -6.82 -5.18 -8.55
CA LEU A 102 -6.95 -3.83 -8.03
C LEU A 102 -8.03 -3.75 -6.94
N GLU A 103 -9.19 -4.37 -7.18
CA GLU A 103 -10.28 -4.34 -6.21
C GLU A 103 -9.96 -5.16 -4.97
N TRP A 104 -9.17 -6.21 -5.15
CA TRP A 104 -8.78 -7.03 -4.01
C TRP A 104 -7.95 -6.15 -3.06
N ASN A 105 -7.14 -5.26 -3.64
CA ASN A 105 -6.32 -4.34 -2.87
C ASN A 105 -7.09 -3.10 -2.43
N ASP A 106 -8.41 -3.21 -2.43
CA ASP A 106 -9.29 -2.13 -2.02
C ASP A 106 -9.23 -0.83 -2.79
N ASN A 107 -8.92 -0.94 -4.08
CA ASN A 107 -8.89 0.23 -4.94
C ASN A 107 -10.27 0.28 -5.56
N THR A 108 -10.77 1.49 -5.81
CA THR A 108 -12.07 1.65 -6.47
C THR A 108 -11.72 1.86 -7.94
N VAL A 109 -12.19 0.94 -8.79
CA VAL A 109 -11.88 0.96 -10.22
C VAL A 109 -13.01 1.40 -11.15
N ARG A 110 -12.72 2.37 -12.01
CA ARG A 110 -13.68 2.82 -12.99
C ARG A 110 -13.00 2.66 -14.36
N VAL A 111 -13.83 2.52 -15.39
CA VAL A 111 -13.39 2.31 -16.76
C VAL A 111 -13.78 3.51 -17.63
N SER A 112 -12.91 3.90 -18.57
CA SER A 112 -13.20 5.06 -19.44
C SER A 112 -14.50 4.86 -20.21
N LYS A 113 -15.08 5.95 -20.67
CA LYS A 113 -16.34 5.86 -21.41
C LYS A 113 -16.17 5.07 -22.71
N THR A 114 -15.02 5.21 -23.37
CA THR A 114 -14.80 4.47 -24.61
C THR A 114 -14.68 2.99 -24.31
N LEU A 115 -14.02 2.65 -23.21
CA LEU A 115 -13.91 1.23 -22.85
C LEU A 115 -15.30 0.69 -22.53
N GLN A 116 -16.11 1.50 -21.88
CA GLN A 116 -17.48 1.08 -21.54
C GLN A 116 -18.26 0.87 -22.82
N ARG A 117 -18.14 1.83 -23.73
CA ARG A 117 -18.86 1.79 -24.99
C ARG A 117 -18.49 0.62 -25.90
N PHE A 118 -17.19 0.32 -26.02
CA PHE A 118 -16.74 -0.72 -26.93
C PHE A 118 -16.26 -2.05 -26.34
N ALA A 119 -16.10 -2.15 -25.04
CA ALA A 119 -15.58 -3.41 -24.50
C ALA A 119 -16.04 -3.87 -23.13
N TRP A 120 -16.25 -2.94 -22.21
CA TRP A 120 -16.63 -3.29 -20.85
C TRP A 120 -17.94 -2.64 -20.42
N PRO B 2 1.58 21.82 40.82
CA PRO B 2 0.29 21.35 40.27
C PRO B 2 0.26 19.84 40.09
N ALA B 3 -0.92 19.25 40.19
CA ALA B 3 -1.08 17.82 40.03
C ALA B 3 -0.99 17.49 38.55
N SER B 4 -0.56 16.27 38.23
CA SER B 4 -0.46 15.86 36.85
C SER B 4 -1.86 15.91 36.25
N ARG B 5 -1.93 16.19 34.95
CA ARG B 5 -3.22 16.21 34.28
C ARG B 5 -3.06 15.35 33.04
N TYR B 6 -4.15 14.69 32.65
CA TYR B 6 -4.12 13.80 31.50
C TYR B 6 -4.64 14.39 30.21
N ILE B 7 -3.93 14.09 29.13
CA ILE B 7 -4.32 14.52 27.81
C ILE B 7 -4.87 13.25 27.19
N THR B 8 -6.06 13.33 26.59
CA THR B 8 -6.65 12.16 25.97
C THR B 8 -7.11 12.49 24.56
N ASP B 9 -6.20 12.35 23.60
CA ASP B 9 -6.54 12.63 22.19
C ASP B 9 -7.50 11.57 21.67
N MET B 10 -7.29 10.33 22.10
CA MET B 10 -8.11 9.22 21.63
C MET B 10 -9.35 8.96 22.47
N THR B 11 -10.40 8.46 21.81
CA THR B 11 -11.63 8.11 22.50
C THR B 11 -11.38 6.74 23.13
N ILE B 12 -12.28 6.32 24.00
CA ILE B 12 -12.15 5.02 24.64
C ILE B 12 -12.07 3.91 23.61
N GLU B 13 -12.85 4.04 22.54
CA GLU B 13 -12.85 3.04 21.48
C GLU B 13 -11.52 2.99 20.73
N GLU B 14 -11.01 4.15 20.34
CA GLU B 14 -9.74 4.21 19.62
C GLU B 14 -8.60 3.62 20.43
N LEU B 15 -8.64 3.85 21.74
CA LEU B 15 -7.58 3.38 22.63
C LEU B 15 -7.61 1.88 22.85
N SER B 16 -8.81 1.31 22.89
CA SER B 16 -8.96 -0.11 23.14
C SER B 16 -8.95 -1.02 21.92
N ARG B 17 -9.21 -0.44 20.76
CA ARG B 17 -9.25 -1.21 19.51
C ARG B 17 -7.95 -1.97 19.26
N ASP B 18 -8.06 -3.18 18.72
CA ASP B 18 -6.89 -3.96 18.36
C ASP B 18 -6.84 -3.76 16.85
N TRP B 19 -5.65 -3.58 16.30
CA TRP B 19 -5.56 -3.37 14.85
C TRP B 19 -4.66 -4.35 14.12
N PHE B 20 -4.87 -4.42 12.81
CA PHE B 20 -4.19 -5.33 11.89
C PHE B 20 -3.09 -4.68 11.05
N MET B 21 -1.99 -5.39 10.87
CA MET B 21 -0.87 -4.96 10.04
C MET B 21 -0.71 -6.04 8.95
N LEU B 22 -0.74 -5.64 7.69
CA LEU B 22 -0.57 -6.59 6.59
C LEU B 22 0.90 -7.01 6.52
N MET B 23 1.80 -6.04 6.74
CA MET B 23 3.24 -6.29 6.71
C MET B 23 3.74 -5.79 8.06
N PRO B 24 3.54 -6.58 9.12
CA PRO B 24 3.94 -6.25 10.49
C PRO B 24 5.40 -5.82 10.66
N LYS B 25 5.58 -4.79 11.48
CA LYS B 25 6.90 -4.27 11.83
C LYS B 25 6.80 -3.92 13.30
N GLN B 26 7.73 -4.44 14.10
CA GLN B 26 7.73 -4.16 15.52
C GLN B 26 9.15 -4.00 15.99
N LYS B 27 9.38 -2.95 16.76
CA LYS B 27 10.72 -2.67 17.27
C LYS B 27 10.63 -2.28 18.75
N VAL B 28 11.48 -2.88 19.56
CA VAL B 28 11.55 -2.55 20.97
C VAL B 28 12.66 -1.52 21.04
N GLU B 29 12.34 -0.31 21.46
CA GLU B 29 13.36 0.72 21.55
C GLU B 29 13.39 1.23 22.98
N GLY B 30 14.39 0.78 23.73
CA GLY B 30 14.46 1.20 25.12
C GLY B 30 13.23 0.61 25.81
N PRO B 31 12.49 1.40 26.59
CA PRO B 31 11.30 0.94 27.30
C PRO B 31 10.01 1.04 26.48
N LEU B 32 10.14 1.32 25.18
CA LEU B 32 8.97 1.46 24.33
C LEU B 32 8.94 0.49 23.16
N CYS B 33 7.73 0.22 22.69
CA CYS B 33 7.51 -0.66 21.56
C CYS B 33 6.91 0.14 20.43
N ILE B 34 7.48 0.00 19.24
CA ILE B 34 7.01 0.73 18.07
C ILE B 34 6.50 -0.29 17.06
N ARG B 35 5.30 -0.07 16.56
CA ARG B 35 4.70 -0.94 15.57
C ARG B 35 4.25 -0.11 14.39
N ILE B 36 4.31 -0.69 13.21
CA ILE B 36 3.86 0.03 12.03
C ILE B 36 3.59 -0.99 10.94
N ASP B 37 2.64 -0.67 10.07
CA ASP B 37 2.32 -1.55 8.95
C ASP B 37 3.10 -1.00 7.76
N GLN B 38 4.06 -1.77 7.29
CA GLN B 38 4.90 -1.38 6.14
C GLN B 38 4.08 -1.26 4.84
N ALA B 39 2.89 -1.84 4.81
CA ALA B 39 2.05 -1.81 3.61
C ALA B 39 1.31 -0.49 3.41
N ILE B 40 1.18 0.29 4.47
CA ILE B 40 0.44 1.54 4.38
C ILE B 40 1.19 2.70 3.73
N MET B 41 0.63 3.22 2.64
CA MET B 41 1.24 4.30 1.88
C MET B 41 0.23 5.34 1.40
N ASP B 42 0.77 6.49 0.98
CA ASP B 42 -0.01 7.59 0.41
C ASP B 42 -1.23 8.09 1.15
N LYS B 43 -1.22 8.05 2.47
CA LYS B 43 -2.36 8.54 3.21
C LYS B 43 -2.00 9.71 4.11
N ASN B 44 -3.02 10.48 4.51
CA ASN B 44 -2.83 11.59 5.42
C ASN B 44 -2.97 10.92 6.79
N ILE B 45 -1.89 10.94 7.56
CA ILE B 45 -1.86 10.30 8.88
C ILE B 45 -1.79 11.33 10.00
N MET B 46 -2.54 11.09 11.07
CA MET B 46 -2.55 11.97 12.23
C MET B 46 -2.16 11.21 13.49
N LEU B 47 -1.12 11.69 14.19
CA LEU B 47 -0.71 11.02 15.41
C LEU B 47 -1.48 11.60 16.59
N LYS B 48 -2.13 10.73 17.35
CA LYS B 48 -2.89 11.13 18.52
C LYS B 48 -2.35 10.33 19.72
N ALA B 49 -2.35 10.92 20.89
CA ALA B 49 -1.83 10.21 22.06
C ALA B 49 -2.57 10.55 23.34
N ASN B 50 -2.48 9.65 24.31
CA ASN B 50 -3.06 9.82 25.63
C ASN B 50 -1.82 9.79 26.53
N PHE B 51 -1.68 10.79 27.38
CA PHE B 51 -0.50 10.84 28.23
C PHE B 51 -0.70 11.84 29.34
N SER B 52 0.18 11.81 30.32
CA SER B 52 0.07 12.75 31.44
C SER B 52 1.07 13.85 31.20
N VAL B 53 0.80 15.03 31.77
CA VAL B 53 1.73 16.13 31.65
C VAL B 53 1.94 16.73 33.02
N ILE B 54 3.14 17.26 33.22
CA ILE B 54 3.50 17.91 34.45
C ILE B 54 4.43 19.04 34.03
N PHE B 55 4.16 20.25 34.52
CA PHE B 55 4.96 21.43 34.20
C PHE B 55 4.97 21.69 32.69
N ASP B 56 3.78 21.63 32.08
CA ASP B 56 3.64 21.85 30.64
C ASP B 56 4.57 21.01 29.78
N ARG B 57 4.85 19.79 30.23
CA ARG B 57 5.72 18.90 29.48
C ARG B 57 5.15 17.49 29.56
N LEU B 58 5.29 16.71 28.50
CA LEU B 58 4.78 15.35 28.53
C LEU B 58 5.60 14.61 29.57
N GLU B 59 4.89 13.92 30.47
CA GLU B 59 5.52 13.18 31.55
C GLU B 59 5.55 11.68 31.27
N THR B 60 4.37 11.09 31.10
CA THR B 60 4.26 9.66 30.85
C THR B 60 3.33 9.36 29.70
N LEU B 61 3.82 8.58 28.75
CA LEU B 61 3.00 8.20 27.61
C LEU B 61 2.17 6.97 27.97
N ILE B 62 0.88 7.02 27.69
CA ILE B 62 0.02 5.87 27.92
C ILE B 62 -0.02 5.12 26.61
N LEU B 63 -0.42 5.80 25.54
CA LEU B 63 -0.47 5.19 24.22
C LEU B 63 -0.49 6.24 23.12
N LEU B 64 0.21 5.95 22.03
CA LEU B 64 0.22 6.86 20.89
C LEU B 64 -0.13 6.01 19.68
N ARG B 65 -1.04 6.49 18.85
CA ARG B 65 -1.43 5.74 17.67
C ARG B 65 -1.52 6.65 16.46
N ALA B 66 -1.26 6.08 15.28
CA ALA B 66 -1.32 6.84 14.03
C ALA B 66 -2.60 6.48 13.31
N PHE B 67 -3.41 7.49 12.99
CA PHE B 67 -4.70 7.25 12.33
C PHE B 67 -4.81 7.86 10.93
N THR B 68 -5.49 7.13 10.04
CA THR B 68 -5.72 7.63 8.68
C THR B 68 -6.97 8.48 8.82
N GLU B 69 -7.38 9.14 7.75
CA GLU B 69 -8.55 9.99 7.81
C GLU B 69 -9.83 9.21 8.05
N GLU B 70 -9.82 7.92 7.70
CA GLU B 70 -10.99 7.08 7.90
C GLU B 70 -11.01 6.55 9.32
N GLY B 71 -10.00 6.91 10.12
CA GLY B 71 -9.94 6.46 11.49
C GLY B 71 -9.26 5.11 11.69
N ALA B 72 -8.58 4.61 10.66
CA ALA B 72 -7.90 3.32 10.78
C ALA B 72 -6.51 3.51 11.41
N ILE B 73 -6.10 2.58 12.26
CA ILE B 73 -4.80 2.65 12.95
C ILE B 73 -3.72 2.02 12.09
N VAL B 74 -2.63 2.75 11.85
CA VAL B 74 -1.56 2.20 11.02
C VAL B 74 -0.21 2.07 11.72
N GLY B 75 -0.13 2.58 12.95
CA GLY B 75 1.10 2.51 13.72
C GLY B 75 0.84 2.89 15.16
N GLU B 76 1.74 2.51 16.05
CA GLU B 76 1.56 2.87 17.45
C GLU B 76 2.83 2.76 18.27
N ILE B 77 2.86 3.47 19.39
CA ILE B 77 3.97 3.43 20.31
C ILE B 77 3.35 3.15 21.67
N SER B 78 3.80 2.09 22.32
CA SER B 78 3.26 1.74 23.64
C SER B 78 4.38 1.34 24.58
N PRO B 79 4.20 1.62 25.87
CA PRO B 79 5.19 1.28 26.89
C PRO B 79 5.25 -0.23 27.09
N LEU B 80 6.46 -0.74 27.34
CA LEU B 80 6.64 -2.17 27.58
C LEU B 80 6.43 -2.43 29.07
N PRO B 81 5.60 -3.42 29.40
CA PRO B 81 5.28 -3.81 30.77
C PRO B 81 6.50 -4.04 31.66
N SER B 82 7.44 -4.83 31.15
CA SER B 82 8.66 -5.17 31.89
C SER B 82 9.61 -4.02 32.20
N PHE B 83 9.16 -2.79 31.99
CA PHE B 83 10.00 -1.65 32.30
C PHE B 83 9.34 -0.79 33.36
N PRO B 84 10.12 -0.29 34.31
CA PRO B 84 9.59 0.56 35.39
C PRO B 84 9.10 1.92 34.91
N GLY B 85 9.58 2.35 33.74
CA GLY B 85 9.17 3.63 33.22
C GLY B 85 9.96 4.11 32.00
N HIS B 86 9.69 5.33 31.57
CA HIS B 86 10.37 5.91 30.41
C HIS B 86 10.34 7.43 30.55
N THR B 87 11.05 8.13 29.67
CA THR B 87 11.07 9.59 29.72
C THR B 87 10.59 10.19 28.41
N ILE B 88 10.34 11.50 28.41
CA ILE B 88 9.90 12.20 27.20
C ILE B 88 10.95 11.97 26.11
N GLU B 89 12.18 11.71 26.56
CA GLU B 89 13.28 11.46 25.64
C GLU B 89 13.09 10.12 24.91
N ASP B 90 12.57 9.12 25.62
CA ASP B 90 12.33 7.83 24.99
C ASP B 90 11.18 8.01 24.02
N VAL B 91 10.21 8.82 24.41
CA VAL B 91 9.04 9.06 23.58
C VAL B 91 9.47 9.74 22.28
N LYS B 92 10.31 10.76 22.39
CA LYS B 92 10.77 11.46 21.19
C LYS B 92 11.54 10.53 20.25
N ASN B 93 12.40 9.67 20.80
CA ASN B 93 13.15 8.73 19.96
C ASN B 93 12.17 7.87 19.14
N ALA B 94 11.19 7.29 19.85
CA ALA B 94 10.20 6.42 19.24
C ALA B 94 9.32 7.14 18.22
N ILE B 95 8.92 8.38 18.52
CA ILE B 95 8.11 9.13 17.57
C ILE B 95 8.90 9.39 16.27
N GLY B 96 10.19 9.67 16.42
CA GLY B 96 11.01 9.89 15.23
C GLY B 96 11.07 8.65 14.36
N VAL B 97 11.20 7.47 14.97
CA VAL B 97 11.24 6.22 14.19
C VAL B 97 9.91 5.98 13.49
N LEU B 98 8.81 6.18 14.21
CA LEU B 98 7.48 5.99 13.64
C LEU B 98 7.18 6.97 12.49
N ILE B 99 7.40 8.26 12.75
CA ILE B 99 7.16 9.28 11.73
C ILE B 99 8.05 9.04 10.52
N GLY B 100 9.29 8.60 10.77
CA GLY B 100 10.22 8.34 9.68
C GLY B 100 9.75 7.23 8.76
N GLY B 101 9.18 6.18 9.34
CA GLY B 101 8.69 5.07 8.53
C GLY B 101 7.48 5.48 7.71
N LEU B 102 6.56 6.24 8.31
CA LEU B 102 5.37 6.69 7.62
C LEU B 102 5.74 7.63 6.46
N GLU B 103 6.65 8.56 6.72
CA GLU B 103 7.12 9.50 5.68
C GLU B 103 7.78 8.71 4.57
N TRP B 104 8.63 7.75 4.95
CA TRP B 104 9.31 6.96 3.96
C TRP B 104 8.34 6.28 3.01
N ASN B 105 7.19 5.87 3.53
CA ASN B 105 6.14 5.23 2.72
C ASN B 105 5.19 6.23 2.07
N ASP B 106 5.67 7.46 1.94
CA ASP B 106 4.93 8.55 1.31
C ASP B 106 3.60 8.95 1.93
N ASN B 107 3.51 8.84 3.25
CA ASN B 107 2.31 9.26 3.95
C ASN B 107 2.62 10.67 4.44
N THR B 108 1.60 11.51 4.48
CA THR B 108 1.75 12.87 4.98
C THR B 108 1.40 12.75 6.46
N VAL B 109 2.34 13.12 7.33
CA VAL B 109 2.13 12.99 8.77
C VAL B 109 1.92 14.27 9.57
N ARG B 110 0.82 14.33 10.30
CA ARG B 110 0.51 15.47 11.17
C ARG B 110 0.50 14.95 12.61
N VAL B 111 0.75 15.85 13.56
CA VAL B 111 0.77 15.50 14.98
C VAL B 111 -0.28 16.32 15.70
N SER B 112 -0.97 15.71 16.66
CA SER B 112 -2.01 16.42 17.41
C SER B 112 -1.45 17.69 18.03
N LYS B 113 -2.30 18.70 18.18
CA LYS B 113 -1.87 19.96 18.78
C LYS B 113 -1.34 19.75 20.20
N THR B 114 -1.93 18.80 20.93
CA THR B 114 -1.47 18.53 22.28
C THR B 114 -0.08 17.92 22.25
N LEU B 115 0.15 16.99 21.34
CA LEU B 115 1.46 16.37 21.22
C LEU B 115 2.48 17.43 20.83
N GLN B 116 2.11 18.29 19.88
CA GLN B 116 3.02 19.35 19.44
C GLN B 116 3.36 20.25 20.60
N ARG B 117 2.35 20.57 21.41
CA ARG B 117 2.56 21.45 22.54
C ARG B 117 3.33 20.85 23.72
N PHE B 118 2.94 19.65 24.12
CA PHE B 118 3.58 19.02 25.27
C PHE B 118 4.80 18.17 25.00
N ALA B 119 4.96 17.70 23.78
CA ALA B 119 6.13 16.90 23.43
C ALA B 119 7.12 17.84 22.74
N TRP B 120 6.75 19.12 22.62
CA TRP B 120 7.58 20.16 22.01
C TRP B 120 7.13 21.56 22.46
N HIS C 7 -18.66 -35.80 21.39
CA HIS C 7 -19.15 -35.97 20.02
C HIS C 7 -20.39 -35.13 19.77
N HIS C 8 -20.33 -33.85 20.13
CA HIS C 8 -21.47 -32.96 20.00
C HIS C 8 -21.02 -31.54 19.67
N SER C 9 -21.55 -31.00 18.58
CA SER C 9 -21.24 -29.63 18.18
C SER C 9 -22.24 -28.65 18.77
N HIS C 10 -21.74 -27.52 19.26
CA HIS C 10 -22.57 -26.54 19.95
C HIS C 10 -23.15 -25.53 18.96
N MET C 11 -22.45 -25.32 17.85
CA MET C 11 -22.86 -24.35 16.85
C MET C 11 -23.64 -25.02 15.71
N SER C 12 -24.65 -24.33 15.21
CA SER C 12 -25.47 -24.84 14.12
C SER C 12 -24.68 -24.82 12.82
N GLY C 13 -23.66 -23.98 12.79
CA GLY C 13 -22.80 -23.82 11.62
C GLY C 13 -21.78 -22.77 11.99
N GLU C 14 -20.88 -22.40 11.09
CA GLU C 14 -19.90 -21.38 11.46
C GLU C 14 -19.38 -20.61 10.25
N LYS C 15 -18.88 -19.40 10.51
CA LYS C 15 -18.31 -18.58 9.45
C LYS C 15 -16.96 -19.20 9.14
N THR C 16 -16.74 -19.52 7.87
CA THR C 16 -15.51 -20.19 7.48
C THR C 16 -14.35 -19.32 7.02
N VAL C 17 -14.58 -18.04 6.75
CA VAL C 17 -13.48 -17.18 6.33
C VAL C 17 -13.52 -15.78 6.94
N VAL C 18 -12.35 -15.29 7.35
CA VAL C 18 -12.23 -13.98 7.97
C VAL C 18 -12.53 -12.87 6.98
N CYS C 19 -13.20 -11.82 7.44
CA CYS C 19 -13.56 -10.70 6.58
C CYS C 19 -12.31 -9.84 6.33
N LYS C 20 -11.81 -9.86 5.09
CA LYS C 20 -10.63 -9.07 4.79
C LYS C 20 -10.90 -7.58 4.89
N HIS C 21 -12.14 -7.15 4.62
CA HIS C 21 -12.47 -5.74 4.72
C HIS C 21 -12.41 -5.33 6.18
N TRP C 22 -12.90 -6.19 7.06
CA TRP C 22 -12.89 -5.92 8.49
C TRP C 22 -11.45 -5.79 8.98
N LEU C 23 -10.55 -6.60 8.43
CA LEU C 23 -9.14 -6.54 8.83
C LEU C 23 -8.57 -5.15 8.60
N ARG C 24 -9.05 -4.47 7.57
CA ARG C 24 -8.57 -3.14 7.23
C ARG C 24 -9.57 -2.04 7.59
N GLY C 25 -10.51 -2.37 8.48
CA GLY C 25 -11.50 -1.41 8.92
C GLY C 25 -12.45 -0.90 7.85
N LEU C 26 -12.69 -1.70 6.84
CA LEU C 26 -13.57 -1.29 5.74
C LEU C 26 -14.94 -1.99 5.78
N CYS C 27 -15.32 -2.53 6.93
CA CYS C 27 -16.60 -3.22 7.05
C CYS C 27 -17.39 -2.70 8.25
N LYS C 28 -18.67 -2.44 8.03
CA LYS C 28 -19.56 -1.91 9.07
C LYS C 28 -20.64 -2.92 9.49
N LYS C 29 -20.62 -4.11 8.89
CA LYS C 29 -21.62 -5.13 9.17
C LYS C 29 -21.56 -5.82 10.55
N GLY C 30 -20.46 -5.62 11.28
CA GLY C 30 -20.33 -6.23 12.61
C GLY C 30 -20.67 -7.71 12.65
N ASP C 31 -21.41 -8.12 13.68
CA ASP C 31 -21.79 -9.52 13.84
C ASP C 31 -22.60 -10.04 12.67
N GLN C 32 -23.27 -9.14 11.97
CA GLN C 32 -24.11 -9.51 10.84
C GLN C 32 -23.39 -9.72 9.51
N CYS C 33 -22.07 -9.54 9.48
CA CYS C 33 -21.35 -9.75 8.23
C CYS C 33 -21.34 -11.23 7.92
N GLU C 34 -21.27 -11.54 6.63
CA GLU C 34 -21.24 -12.92 6.16
C GLU C 34 -19.95 -13.57 6.62
N PHE C 35 -18.92 -12.75 6.82
CA PHE C 35 -17.62 -13.24 7.21
C PHE C 35 -17.26 -12.96 8.67
N LEU C 36 -16.28 -13.70 9.17
CA LEU C 36 -15.85 -13.60 10.56
C LEU C 36 -15.08 -12.32 10.89
N HIS C 37 -15.47 -11.67 11.98
CA HIS C 37 -14.80 -10.45 12.42
C HIS C 37 -13.84 -10.65 13.59
N GLU C 38 -13.01 -11.68 13.50
CA GLU C 38 -12.01 -11.97 14.50
C GLU C 38 -10.79 -12.43 13.72
N TYR C 39 -9.59 -12.23 14.26
CA TYR C 39 -8.43 -12.69 13.51
C TYR C 39 -8.11 -14.16 13.77
N ASP C 40 -8.50 -15.00 12.81
CA ASP C 40 -8.23 -16.42 12.92
C ASP C 40 -7.36 -16.81 11.73
N MET C 41 -6.05 -16.90 11.96
CA MET C 41 -5.11 -17.22 10.90
C MET C 41 -5.41 -18.52 10.15
N THR C 42 -6.36 -19.30 10.65
CA THR C 42 -6.69 -20.56 10.00
C THR C 42 -7.90 -20.42 9.10
N LYS C 43 -8.53 -19.24 9.14
CA LYS C 43 -9.71 -19.00 8.32
C LYS C 43 -9.53 -17.83 7.36
N MET C 44 -8.30 -17.55 6.96
CA MET C 44 -8.04 -16.45 6.05
C MET C 44 -8.39 -16.85 4.62
N SER C 45 -8.85 -15.90 3.81
CA SER C 45 -9.21 -16.21 2.44
C SER C 45 -7.97 -16.43 1.57
N GLU C 46 -8.20 -16.85 0.33
CA GLU C 46 -7.10 -17.12 -0.59
C GLU C 46 -6.47 -15.84 -1.09
N CYS C 47 -5.15 -15.87 -1.26
CA CYS C 47 -4.44 -14.69 -1.76
C CYS C 47 -4.71 -14.54 -3.25
N TYR C 48 -5.29 -13.41 -3.64
CA TYR C 48 -5.60 -13.19 -5.04
C TYR C 48 -4.36 -13.23 -5.92
N PHE C 49 -3.27 -12.63 -5.45
CA PHE C 49 -2.04 -12.59 -6.23
C PHE C 49 -1.36 -13.94 -6.38
N TYR C 50 -1.28 -14.72 -5.31
CA TYR C 50 -0.66 -16.04 -5.44
C TYR C 50 -1.51 -16.91 -6.37
N SER C 51 -2.82 -16.71 -6.32
CA SER C 51 -3.73 -17.49 -7.16
C SER C 51 -3.68 -17.15 -8.65
N LYS C 52 -3.76 -15.87 -9.00
CA LYS C 52 -3.73 -15.46 -10.40
C LYS C 52 -2.35 -15.34 -11.00
N PHE C 53 -1.35 -15.03 -10.17
CA PHE C 53 0.01 -14.84 -10.66
C PHE C 53 1.01 -15.91 -10.22
N GLY C 54 0.60 -16.79 -9.31
CA GLY C 54 1.51 -17.83 -8.88
C GLY C 54 2.62 -17.37 -7.94
N GLU C 55 2.48 -16.18 -7.38
CA GLU C 55 3.47 -15.66 -6.46
C GLU C 55 2.94 -14.43 -5.75
N CYS C 56 3.59 -14.09 -4.64
CA CYS C 56 3.16 -12.97 -3.81
C CYS C 56 4.39 -12.32 -3.18
N SER C 57 4.40 -10.98 -3.15
CA SER C 57 5.54 -10.24 -2.62
C SER C 57 5.60 -10.05 -1.11
N ASN C 58 4.55 -10.44 -0.39
CA ASN C 58 4.54 -10.24 1.05
C ASN C 58 5.09 -11.45 1.80
N LYS C 59 6.30 -11.31 2.34
CA LYS C 59 6.92 -12.40 3.10
C LYS C 59 6.00 -12.83 4.25
N GLU C 60 5.18 -11.89 4.71
CA GLU C 60 4.27 -12.16 5.82
C GLU C 60 2.83 -12.26 5.33
N CYS C 61 2.62 -12.62 4.06
CA CYS C 61 1.25 -12.71 3.60
C CYS C 61 0.43 -13.65 4.48
N PRO C 62 -0.72 -13.18 4.97
CA PRO C 62 -1.57 -14.01 5.83
C PRO C 62 -2.61 -14.81 5.05
N PHE C 63 -2.71 -14.54 3.76
CA PHE C 63 -3.70 -15.23 2.93
C PHE C 63 -3.18 -16.54 2.33
N LEU C 64 -4.10 -17.46 2.03
CA LEU C 64 -3.71 -18.76 1.47
C LEU C 64 -2.97 -18.72 0.13
N HIS C 65 -1.86 -19.44 0.07
CA HIS C 65 -1.08 -19.57 -1.15
C HIS C 65 -1.24 -21.01 -1.61
N ILE C 66 -2.22 -21.24 -2.49
CA ILE C 66 -2.52 -22.57 -3.01
C ILE C 66 -1.93 -22.80 -4.40
N ASP C 67 -1.09 -23.81 -4.53
CA ASP C 67 -0.45 -24.13 -5.81
C ASP C 67 -1.42 -24.85 -6.73
N PRO C 68 -1.24 -24.67 -8.05
CA PRO C 68 -2.13 -25.32 -9.03
C PRO C 68 -2.16 -26.81 -8.76
N GLU C 69 -3.33 -27.31 -8.38
CA GLU C 69 -3.51 -28.71 -8.05
C GLU C 69 -3.84 -29.53 -9.29
N SER D 9 36.34 11.94 -16.58
CA SER D 9 34.89 11.85 -16.65
C SER D 9 34.29 12.99 -17.45
N HIS D 10 33.17 12.72 -18.11
CA HIS D 10 32.51 13.71 -18.96
C HIS D 10 31.65 14.67 -18.13
N MET D 11 31.25 14.22 -16.95
CA MET D 11 30.39 15.02 -16.08
C MET D 11 31.20 15.70 -14.98
N SER D 12 30.83 16.94 -14.67
CA SER D 12 31.53 17.70 -13.65
C SER D 12 31.36 17.08 -12.26
N GLY D 13 30.12 16.67 -11.97
CA GLY D 13 29.89 15.61 -11.01
C GLY D 13 28.66 14.78 -11.34
N GLU D 14 28.38 13.78 -10.52
CA GLU D 14 27.35 12.79 -10.83
C GLU D 14 26.41 12.60 -9.66
N LYS D 15 25.17 12.23 -9.97
CA LYS D 15 24.19 11.96 -8.92
C LYS D 15 24.54 10.57 -8.42
N THR D 16 24.22 10.27 -7.17
CA THR D 16 24.57 8.97 -6.63
C THR D 16 23.37 8.13 -6.21
N VAL D 17 22.22 8.77 -5.99
CA VAL D 17 21.06 8.01 -5.55
C VAL D 17 19.81 8.22 -6.41
N VAL D 18 19.12 7.13 -6.72
CA VAL D 18 17.89 7.19 -7.51
C VAL D 18 16.83 7.87 -6.67
N CYS D 19 16.02 8.71 -7.29
CA CYS D 19 14.95 9.42 -6.61
C CYS D 19 13.76 8.50 -6.30
N LYS D 20 13.50 8.21 -5.03
CA LYS D 20 12.39 7.32 -4.72
C LYS D 20 11.04 7.93 -5.10
N HIS D 21 10.91 9.24 -4.99
CA HIS D 21 9.66 9.91 -5.36
C HIS D 21 9.40 9.79 -6.86
N TRP D 22 10.47 9.89 -7.65
CA TRP D 22 10.35 9.78 -9.09
C TRP D 22 9.89 8.37 -9.47
N LEU D 23 10.43 7.37 -8.78
CA LEU D 23 10.06 5.99 -9.05
C LEU D 23 8.55 5.79 -8.95
N ARG D 24 7.92 6.51 -8.03
CA ARG D 24 6.49 6.39 -7.83
C ARG D 24 5.70 7.49 -8.53
N GLY D 25 6.40 8.33 -9.27
CA GLY D 25 5.75 9.42 -10.00
C GLY D 25 5.39 10.60 -9.13
N LEU D 26 6.06 10.74 -8.01
CA LEU D 26 5.80 11.83 -7.07
C LEU D 26 6.80 12.99 -7.15
N CYS D 27 7.70 12.97 -8.12
CA CYS D 27 8.65 14.07 -8.24
C CYS D 27 8.25 15.05 -9.32
N LYS D 28 8.27 16.33 -8.97
CA LYS D 28 7.90 17.38 -9.90
C LYS D 28 9.07 18.33 -10.16
N LYS D 29 10.27 17.91 -9.78
CA LYS D 29 11.47 18.72 -9.95
C LYS D 29 12.13 18.48 -11.30
N GLY D 30 11.76 17.41 -11.98
CA GLY D 30 12.34 17.10 -13.27
C GLY D 30 13.86 17.05 -13.25
N ASP D 31 14.50 17.71 -14.21
CA ASP D 31 15.95 17.73 -14.30
C ASP D 31 16.65 18.50 -13.20
N GLN D 32 15.89 19.28 -12.43
CA GLN D 32 16.47 20.03 -11.33
C GLN D 32 16.60 19.19 -10.06
N CYS D 33 16.09 17.96 -10.10
CA CYS D 33 16.19 17.10 -8.90
C CYS D 33 17.62 16.72 -8.61
N GLU D 34 17.92 16.59 -7.33
CA GLU D 34 19.26 16.22 -6.86
C GLU D 34 19.48 14.72 -6.97
N PHE D 35 18.41 13.97 -7.18
CA PHE D 35 18.53 12.53 -7.30
C PHE D 35 18.33 12.07 -8.75
N LEU D 36 18.85 10.88 -9.04
CA LEU D 36 18.77 10.26 -10.36
C LEU D 36 17.35 9.91 -10.80
N HIS D 37 16.97 10.34 -12.00
CA HIS D 37 15.67 9.98 -12.55
C HIS D 37 15.92 8.92 -13.63
N GLU D 38 16.40 7.77 -13.18
CA GLU D 38 16.67 6.62 -14.04
C GLU D 38 16.68 5.44 -13.10
N TYR D 39 16.13 4.31 -13.53
CA TYR D 39 16.15 3.17 -12.64
C TYR D 39 17.47 2.47 -12.73
N ASP D 40 18.26 2.60 -11.67
CA ASP D 40 19.54 1.93 -11.60
C ASP D 40 19.49 1.15 -10.29
N MET D 41 19.20 -0.14 -10.39
CA MET D 41 19.09 -1.00 -9.22
C MET D 41 20.31 -0.96 -8.30
N THR D 42 21.46 -0.56 -8.84
CA THR D 42 22.68 -0.51 -8.02
C THR D 42 22.87 0.82 -7.29
N LYS D 43 22.00 1.79 -7.55
CA LYS D 43 22.11 3.09 -6.90
C LYS D 43 20.86 3.49 -6.12
N MET D 44 20.14 2.49 -5.62
CA MET D 44 18.91 2.77 -4.87
C MET D 44 19.27 3.14 -3.42
N SER D 45 18.41 3.93 -2.78
CA SER D 45 18.66 4.31 -1.41
C SER D 45 18.47 3.12 -0.47
N GLU D 46 18.88 3.30 0.79
CA GLU D 46 18.78 2.25 1.80
C GLU D 46 17.33 2.04 2.22
N CYS D 47 16.93 0.80 2.42
CA CYS D 47 15.55 0.50 2.83
C CYS D 47 15.36 0.98 4.27
N TYR D 48 14.42 1.90 4.48
CA TYR D 48 14.19 2.40 5.84
C TYR D 48 13.81 1.31 6.83
N PHE D 49 12.94 0.39 6.40
CA PHE D 49 12.49 -0.66 7.31
C PHE D 49 13.59 -1.67 7.66
N TYR D 50 14.39 -2.05 6.68
CA TYR D 50 15.45 -3.00 6.97
C TYR D 50 16.43 -2.38 7.96
N SER D 51 16.69 -1.09 7.80
CA SER D 51 17.64 -0.40 8.68
C SER D 51 17.12 -0.20 10.09
N LYS D 52 15.88 0.27 10.21
CA LYS D 52 15.30 0.53 11.52
C LYS D 52 14.72 -0.68 12.22
N PHE D 53 14.21 -1.63 11.46
CA PHE D 53 13.58 -2.82 12.04
C PHE D 53 14.33 -4.11 11.83
N GLY D 54 15.42 -4.05 11.06
CA GLY D 54 16.20 -5.25 10.80
C GLY D 54 15.47 -6.28 9.95
N GLU D 55 14.37 -5.89 9.33
CA GLU D 55 13.62 -6.82 8.49
C GLU D 55 12.77 -6.02 7.50
N CYS D 56 12.38 -6.68 6.41
CA CYS D 56 11.57 -6.05 5.36
C CYS D 56 10.63 -7.10 4.76
N SER D 57 9.35 -6.77 4.66
CA SER D 57 8.34 -7.70 4.15
C SER D 57 8.26 -7.88 2.64
N ASN D 58 8.93 -7.00 1.90
CA ASN D 58 8.84 -7.08 0.44
C ASN D 58 9.91 -8.02 -0.11
N LYS D 59 9.48 -9.18 -0.63
CA LYS D 59 10.43 -10.13 -1.20
C LYS D 59 11.18 -9.51 -2.36
N GLU D 60 10.56 -8.53 -3.02
CA GLU D 60 11.20 -7.88 -4.15
C GLU D 60 11.64 -6.46 -3.81
N CYS D 61 11.92 -6.17 -2.55
CA CYS D 61 12.35 -4.84 -2.19
C CYS D 61 13.56 -4.42 -3.04
N PRO D 62 13.47 -3.25 -3.69
CA PRO D 62 14.57 -2.75 -4.53
C PRO D 62 15.53 -1.84 -3.76
N PHE D 63 15.25 -1.60 -2.48
CA PHE D 63 16.11 -0.74 -1.69
C PHE D 63 17.20 -1.54 -0.97
N LEU D 64 18.31 -0.89 -0.64
CA LEU D 64 19.42 -1.60 -0.01
C LEU D 64 19.16 -2.15 1.38
N HIS D 65 19.47 -3.43 1.56
CA HIS D 65 19.31 -4.07 2.86
C HIS D 65 20.70 -4.20 3.47
N ILE D 66 21.09 -3.17 4.21
CA ILE D 66 22.40 -3.11 4.84
C ILE D 66 22.43 -3.72 6.23
N ASP D 67 23.55 -4.36 6.55
CA ASP D 67 23.72 -5.00 7.84
C ASP D 67 24.95 -4.54 8.57
N PRO D 68 25.03 -4.96 9.83
CA PRO D 68 26.22 -4.65 10.60
C PRO D 68 27.09 -5.77 10.02
N NO3 E . -0.30 7.74 -6.41
O1 NO3 E . -0.19 8.23 -5.30
O2 NO3 E . -0.87 8.36 -7.29
O3 NO3 E . 0.16 6.62 -6.63
N NO3 F . -15.93 -2.95 -12.97
O1 NO3 F . -15.40 -2.61 -11.92
O2 NO3 F . -16.24 -2.12 -13.80
O3 NO3 F . -16.16 -4.13 -13.18
N NO3 G . -16.25 7.11 -29.40
O1 NO3 G . -16.91 6.25 -28.86
O2 NO3 G . -16.35 7.25 -30.60
O3 NO3 G . -15.52 7.84 -28.76
N NO3 H . -17.09 1.50 -35.31
O1 NO3 H . -17.67 0.41 -35.44
O2 NO3 H . -17.29 2.18 -34.32
O3 NO3 H . -16.32 1.88 -36.17
ZN ZN I . -0.10 -13.70 -0.65
ZN ZN J . -17.26 -7.91 7.38
N NO3 K . 1.82 -21.18 -8.40
O1 NO3 K . 0.84 -21.05 -7.70
O2 NO3 K . 1.68 -21.49 -9.57
O3 NO3 K . 2.93 -20.99 -7.96
ZN ZN L . 13.44 -3.42 2.04
ZN ZN M . 13.40 13.54 -8.23
C TRS N . 17.64 6.80 3.81
C1 TRS N . 17.08 8.18 3.27
C2 TRS N . 18.58 6.14 2.74
C3 TRS N . 16.76 5.50 3.99
N TRS N . 17.94 6.99 5.33
O1 TRS N . 17.20 8.29 1.82
O2 TRS N . 19.53 6.88 2.19
O3 TRS N . 15.77 5.59 5.01
#